data_2L2U
#
_entry.id   2L2U
#
loop_
_entity.id
_entity.type
_entity.pdbx_description
1 polymer "DNA (5'-D(*CP*AP*GP*CP*GP*(3DR)P*GP*TP*AP*TP*AP*AP*GP*C)-3')"
2 polymer "DNA (5'-D(*GP*CP*TP*TP*AP*(3DR)P*AP*CP*AP*CP*GP*CP*TP*G)-3')"
#
loop_
_entity_poly.entity_id
_entity_poly.type
_entity_poly.pdbx_seq_one_letter_code
_entity_poly.pdbx_strand_id
1 'polydeoxyribonucleotide' (DC)(DA)(DG)(DC)(DG)(3DR)(DG)(DT)(DA)(DT)(DA)(DA)(DG)(DC) A
2 'polydeoxyribonucleotide' (DG)(DC)(DT)(DT)(DA)(3DR)(DA)(DC)(DA)(DC)(DG)(DC)(DT)(DG) B
#
loop_
_chem_comp.id
_chem_comp.type
_chem_comp.name
_chem_comp.formula
3DR DNA linking 1',2'-DIDEOXYRIBOFURANOSE-5'-PHOSPHATE 'C5 H11 O6 P'
DA DNA linking 2'-DEOXYADENOSINE-5'-MONOPHOSPHATE 'C10 H14 N5 O6 P'
DC DNA linking 2'-DEOXYCYTIDINE-5'-MONOPHOSPHATE 'C9 H14 N3 O7 P'
DG DNA linking 2'-DEOXYGUANOSINE-5'-MONOPHOSPHATE 'C10 H14 N5 O7 P'
DT DNA linking THYMIDINE-5'-MONOPHOSPHATE 'C10 H15 N2 O8 P'
#
# COMPACT_ATOMS: atom_id res chain seq x y z
O5' 3DR A 6 -1.54 -8.18 -0.86
P 3DR A 6 -0.15 -8.45 -1.65
OP1 3DR A 6 0.38 -7.14 -2.09
OP2 3DR A 6 -0.38 -9.52 -2.64
C2' 3DR A 6 -4.61 -7.22 -1.32
C5' 3DR A 6 -2.25 -9.24 -0.21
C4' 3DR A 6 -3.75 -8.94 0.02
O4' 3DR A 6 -3.99 -7.77 0.82
C1' 3DR A 6 -4.96 -6.96 0.14
C3' 3DR A 6 -4.53 -8.72 -1.28
O3' 3DR A 6 -5.84 -9.31 -1.18
H2' 3DR A 6 -3.65 -6.74 -1.54
H2'' 3DR A 6 -5.34 -6.95 -2.09
H5' 3DR A 6 -1.79 -9.42 0.77
H5'' 3DR A 6 -2.17 -10.16 -0.79
H4'1 3DR A 6 -4.19 -9.80 0.53
H1'1 3DR A 6 -4.87 -5.92 0.43
H1'2 3DR A 6 -5.96 -7.32 0.35
H3' 3DR A 6 -4.02 -9.16 -2.14
O5' 3DR B 6 4.75 7.18 0.00
P 3DR B 6 6.23 6.83 -0.54
OP1 3DR B 6 6.40 5.36 -0.45
OP2 3DR B 6 7.20 7.72 0.14
C2' 3DR B 6 2.59 7.55 2.91
C5' 3DR B 6 4.25 8.53 -0.04
C4' 3DR B 6 3.13 8.80 0.98
O4' 3DR B 6 1.95 7.99 0.78
C1' 3DR B 6 1.36 7.87 2.09
C3' 3DR B 6 3.55 8.63 2.44
O3' 3DR B 6 3.35 9.86 3.17
H2' 3DR B 6 2.95 6.56 2.67
H2'' 3DR B 6 2.50 7.65 4.00
H5' 3DR B 6 3.84 8.72 -1.04
H5'' 3DR B 6 5.05 9.24 0.14
H4'1 3DR B 6 2.81 9.84 0.87
H1'1 3DR B 6 0.64 7.05 2.11
H1'2 3DR B 6 0.90 8.79 2.41
H3' 3DR B 6 4.59 8.31 2.52
O5' 3DR A 6 -2.51 -6.92 -2.89
P 3DR A 6 -1.77 -5.70 -2.13
OP1 3DR A 6 -2.74 -5.05 -1.22
OP2 3DR A 6 -1.07 -4.89 -3.15
C2' 3DR A 6 -5.69 -6.13 -2.06
C5' 3DR A 6 -2.98 -8.14 -2.30
C4' 3DR A 6 -4.37 -8.04 -1.62
O4' 3DR A 6 -4.36 -7.19 -0.47
C1' 3DR A 6 -5.51 -6.33 -0.55
C3' 3DR A 6 -5.47 -7.54 -2.56
O3' 3DR A 6 -6.69 -8.32 -2.56
H2' 3DR A 6 -4.90 -5.46 -2.39
H2'' 3DR A 6 -6.64 -5.80 -2.47
H5' 3DR A 6 -3.04 -8.89 -3.09
H5'' 3DR A 6 -2.26 -8.48 -1.56
H4'1 3DR A 6 -4.66 -9.04 -1.29
H1'1 3DR A 6 -6.38 -6.77 -0.08
H1'2 3DR A 6 -5.26 -5.41 -0.02
H3' 3DR A 6 -5.11 -7.53 -3.59
O5' 3DR B 6 4.47 5.38 -0.16
P 3DR B 6 5.86 4.57 -0.35
OP1 3DR B 6 5.61 3.16 0.03
OP2 3DR B 6 6.93 5.33 0.31
C2' 3DR B 6 2.44 6.82 2.29
C5' 3DR B 6 4.32 6.75 -0.58
C4' 3DR B 6 3.22 7.51 0.18
O4' 3DR B 6 1.91 6.90 0.08
C1' 3DR B 6 1.28 7.07 1.35
C3' 3DR B 6 3.49 7.69 1.67
O3' 3DR B 6 3.32 9.05 2.08
H2' 3DR B 6 2.72 5.76 2.24
H2'' 3DR B 6 2.31 7.13 3.32
H5' 3DR B 6 4.06 6.76 -1.64
H5'' 3DR B 6 5.26 7.28 -0.45
H4'1 3DR B 6 3.14 8.51 -0.24
H1'1 3DR B 6 0.46 6.36 1.49
H1'2 3DR B 6 0.90 8.10 1.47
H3' 3DR B 6 4.50 7.37 1.93
O5' 3DR A 6 -1.07 -8.75 -0.55
P 3DR A 6 0.41 -9.05 -1.10
OP1 3DR A 6 1.11 -7.76 -1.31
OP2 3DR A 6 0.30 -10.02 -2.22
C2' 3DR A 6 -4.01 -7.56 -1.32
C5' 3DR A 6 -1.91 -9.81 -0.08
C4' 3DR A 6 -3.39 -9.43 -0.05
O4' 3DR A 6 -3.68 -8.32 0.82
C1' 3DR A 6 -4.54 -7.42 0.10
C3' 3DR A 6 -3.98 -9.06 -1.42
O3' 3DR A 6 -5.30 -9.61 -1.58
H2' 3DR A 6 -3.03 -7.07 -1.36
H2'' 3DR A 6 -4.62 -7.21 -2.15
H5' 3DR A 6 -1.60 -10.08 0.93
H5'' 3DR A 6 -1.79 -10.68 -0.73
H4'1 3DR A 6 -3.95 -10.29 0.32
H1'1 3DR A 6 -4.47 -6.41 0.50
H1'2 3DR A 6 -5.57 -7.78 0.16
H3' 3DR A 6 -3.35 -9.42 -2.23
O5' 3DR B 6 5.11 6.83 -0.77
P 3DR B 6 6.50 6.43 -1.48
OP1 3DR B 6 6.62 4.96 -1.45
OP2 3DR B 6 7.58 7.27 -0.90
C2' 3DR B 6 3.15 7.39 2.27
C5' 3DR B 6 4.63 8.19 -0.82
C4' 3DR B 6 3.59 8.53 0.25
O4' 3DR B 6 2.38 7.74 0.18
C1' 3DR B 6 1.88 7.68 1.52
C3' 3DR B 6 4.09 8.42 1.70
O3' 3DR B 6 3.95 9.68 2.37
H2' 3DR B 6 3.47 6.36 2.05
H2'' 3DR B 6 3.13 7.52 3.36
H5' 3DR B 6 4.17 8.35 -1.80
H5'' 3DR B 6 5.47 8.88 -0.71
H4'1 3DR B 6 3.29 9.57 0.11
H1'1 3DR B 6 1.15 6.88 1.62
H1'2 3DR B 6 1.44 8.63 1.82
H3' 3DR B 6 5.13 8.09 1.74
O5' 3DR A 6 -1.62 -6.98 -1.16
P 3DR A 6 -0.21 -6.89 -1.96
OP1 3DR A 6 0.17 -5.47 -2.07
OP2 3DR A 6 -0.32 -7.73 -3.19
C2' 3DR A 6 -4.77 -6.42 -1.18
C5' 3DR A 6 -2.10 -8.25 -0.67
C4' 3DR A 6 -3.58 -8.23 -0.27
O4' 3DR A 6 -3.90 -7.28 0.78
C1' 3DR A 6 -5.01 -6.48 0.33
C3' 3DR A 6 -4.53 -7.90 -1.42
O3' 3DR A 6 -5.78 -8.63 -1.31
H2' 3DR A 6 -3.90 -5.80 -1.38
H2'' 3DR A 6 -5.60 -6.14 -1.82
H5' 3DR A 6 -1.52 -8.52 0.21
H5'' 3DR A 6 -1.96 -9.01 -1.43
H4'1 3DR A 6 -3.86 -9.22 0.09
H1'1 3DR A 6 -4.98 -5.50 0.81
H1'2 3DR A 6 -5.94 -6.98 0.54
H3' 3DR A 6 -4.08 -8.11 -2.39
O5' 3DR B 6 3.79 7.72 0.45
P 3DR B 6 5.30 7.20 0.15
OP1 3DR B 6 5.39 5.80 0.60
OP2 3DR B 6 6.26 8.21 0.67
C2' 3DR B 6 1.84 8.47 3.10
C5' 3DR B 6 3.39 9.07 0.15
C4' 3DR B 6 2.29 9.59 1.08
O4' 3DR B 6 1.05 8.85 1.00
C1' 3DR B 6 0.56 8.72 2.33
C3' 3DR B 6 2.69 9.59 2.56
O3' 3DR B 6 2.37 10.85 3.19
H2' 3DR B 6 2.22 7.48 2.85
H2'' 3DR B 6 1.80 8.57 4.19
H5' 3DR B 6 3.03 9.10 -0.88
H5'' 3DR B 6 4.25 9.73 0.23
H4'1 3DR B 6 2.08 10.62 0.81
H1'1 3DR B 6 -0.14 7.89 2.41
H1'2 3DR B 6 0.09 9.65 2.66
H3' 3DR B 6 3.76 9.40 2.68
#